data_8I1M
#
_entry.id   8I1M
#
_cell.length_a   114.352
_cell.length_b   51.361
_cell.length_c   32.397
_cell.angle_alpha   90.00
_cell.angle_beta   91.94
_cell.angle_gamma   90.00
#
_symmetry.space_group_name_H-M   'C 1 2 1'
#
loop_
_entity.id
_entity.type
_entity.pdbx_description
1 polymer 'PAPSS1 protein'
2 non-polymer "ADENOSINE-5'-DIPHOSPHATE"
3 non-polymer "ADENOSINE-5'-PHOSPHOSULFATE"
4 non-polymer 'PHOSPHATE ION'
5 water water
#
_entity_poly.entity_id   1
_entity_poly.type   'polypeptide(L)'
_entity_poly.pdbx_seq_one_letter_code
;ATNVTYQAHHVSRNKRGQVVGTRGGFRGCTVWLTGLSGAGKTTVSMALEEYLVCHGIPCYTLDGDNIRQGLNKNLGFSPE
DREENVRRIAEVAKLFADAGLVCITSFISPYTQDRNNARQIHEGASLPFFEVFVDAPLHVCEQRDVKGLYKKARAGEIKG
FTGIDSDYEKPEAPELVLKTDSCDVNDCVQQVVELLQERDIVP
;
_entity_poly.pdbx_strand_id   A
#
loop_
_chem_comp.id
_chem_comp.type
_chem_comp.name
_chem_comp.formula
ADP non-polymer ADENOSINE-5'-DIPHOSPHATE 'C10 H15 N5 O10 P2'
ADX RNA linking ADENOSINE-5'-PHOSPHOSULFATE 'C10 H14 N5 O10 P S'
PO4 non-polymer 'PHOSPHATE ION' 'O4 P -3'
#
# COMPACT_ATOMS: atom_id res chain seq x y z
N VAL A 11 -9.47 16.46 19.88
CA VAL A 11 -8.62 15.80 20.85
C VAL A 11 -7.27 15.55 20.22
N SER A 12 -6.23 15.40 21.05
CA SER A 12 -4.87 15.29 20.55
C SER A 12 -4.55 13.84 20.15
N ARG A 13 -3.46 13.70 19.39
CA ARG A 13 -3.03 12.37 18.98
C ARG A 13 -2.65 11.52 20.18
N ASN A 14 -2.00 12.10 21.19
CA ASN A 14 -1.62 11.31 22.35
C ASN A 14 -2.85 10.80 23.10
N LYS A 15 -3.91 11.61 23.19
CA LYS A 15 -5.15 11.11 23.80
C LYS A 15 -5.77 9.99 22.95
N ARG A 16 -5.71 10.14 21.63
CA ARG A 16 -6.17 9.05 20.75
C ARG A 16 -5.40 7.77 21.03
N GLY A 17 -4.08 7.87 21.13
CA GLY A 17 -3.27 6.69 21.37
C GLY A 17 -3.60 6.01 22.68
N GLN A 18 -4.19 6.74 23.62
CA GLN A 18 -4.59 6.14 24.89
C GLN A 18 -5.85 5.29 24.72
N VAL A 19 -6.77 5.72 23.86
CA VAL A 19 -8.02 4.99 23.73
C VAL A 19 -8.06 4.06 22.53
N VAL A 20 -7.21 4.27 21.54
CA VAL A 20 -7.14 3.36 20.40
C VAL A 20 -6.32 2.14 20.82
N GLY A 21 -6.91 0.96 20.70
CA GLY A 21 -6.19 -0.27 21.01
C GLY A 21 -5.83 -0.42 22.47
N THR A 22 -5.29 -1.59 22.84
CA THR A 22 -4.91 -1.86 24.22
C THR A 22 -3.49 -1.36 24.52
N ARG A 23 -2.59 -1.49 23.56
CA ARG A 23 -1.20 -1.09 23.76
C ARG A 23 -1.09 0.43 23.67
N GLY A 24 -0.69 1.06 24.77
CA GLY A 24 -0.64 2.50 24.80
C GLY A 24 0.38 3.06 23.83
N GLY A 25 0.26 4.37 23.59
CA GLY A 25 1.13 5.05 22.66
C GLY A 25 0.43 5.30 21.34
N PHE A 26 0.63 6.48 20.77
CA PHE A 26 0.10 6.78 19.45
C PHE A 26 1.01 6.17 18.38
N ARG A 27 0.41 5.42 17.45
CA ARG A 27 1.19 4.76 16.41
C ARG A 27 0.54 4.88 15.03
N GLY A 28 -0.30 5.90 14.82
CA GLY A 28 -0.89 6.10 13.52
C GLY A 28 0.17 6.28 12.46
N CYS A 29 -0.05 5.67 11.30
CA CYS A 29 0.93 5.76 10.23
C CYS A 29 0.30 5.14 8.99
N THR A 30 1.02 5.27 7.86
CA THR A 30 0.59 4.66 6.62
C THR A 30 1.70 3.78 6.06
N VAL A 31 1.35 2.53 5.79
CA VAL A 31 2.21 1.58 5.08
C VAL A 31 1.73 1.57 3.64
N TRP A 32 2.53 2.15 2.75
CA TRP A 32 2.14 2.35 1.36
C TRP A 32 2.80 1.29 0.50
N LEU A 33 2.03 0.30 0.06
CA LEU A 33 2.56 -0.72 -0.84
C LEU A 33 2.47 -0.22 -2.27
N THR A 34 3.46 -0.56 -3.10
CA THR A 34 3.42 -0.22 -4.51
C THR A 34 4.06 -1.36 -5.29
N GLY A 35 3.58 -1.60 -6.50
CA GLY A 35 4.13 -2.69 -7.28
C GLY A 35 3.20 -3.15 -8.38
N LEU A 36 3.77 -3.98 -9.27
CA LEU A 36 3.04 -4.48 -10.43
C LEU A 36 1.84 -5.33 -10.01
N SER A 37 0.90 -5.48 -10.94
CA SER A 37 -0.17 -6.46 -10.75
C SER A 37 0.41 -7.85 -10.57
N GLY A 38 -0.07 -8.54 -9.54
CA GLY A 38 0.43 -9.87 -9.25
C GLY A 38 1.69 -9.92 -8.44
N ALA A 39 2.26 -8.79 -8.05
CA ALA A 39 3.48 -8.81 -7.25
C ALA A 39 3.24 -9.32 -5.83
N GLY A 40 1.99 -9.36 -5.37
CA GLY A 40 1.69 -9.85 -4.05
C GLY A 40 1.19 -8.80 -3.06
N LYS A 41 0.77 -7.63 -3.55
CA LYS A 41 0.36 -6.54 -2.66
C LYS A 41 -0.84 -6.96 -1.80
N THR A 42 -1.87 -7.51 -2.45
CA THR A 42 -3.06 -7.98 -1.73
C THR A 42 -2.68 -8.99 -0.65
N THR A 43 -1.93 -10.02 -1.04
CA THR A 43 -1.55 -11.06 -0.10
C THR A 43 -0.81 -10.49 1.10
N VAL A 44 0.19 -9.64 0.85
CA VAL A 44 0.98 -9.11 1.94
C VAL A 44 0.14 -8.18 2.81
N SER A 45 -0.68 -7.34 2.20
CA SER A 45 -1.45 -6.38 3.00
C SER A 45 -2.46 -7.12 3.89
N MET A 46 -3.13 -8.14 3.35
CA MET A 46 -4.09 -8.88 4.16
C MET A 46 -3.40 -9.61 5.30
N ALA A 47 -2.22 -10.19 5.05
CA ALA A 47 -1.53 -10.90 6.11
C ALA A 47 -0.93 -9.93 7.11
N LEU A 48 -0.50 -8.75 6.65
CA LEU A 48 -0.03 -7.73 7.58
C LEU A 48 -1.16 -7.30 8.50
N GLU A 49 -2.35 -7.11 7.94
CA GLU A 49 -3.52 -6.75 8.74
C GLU A 49 -3.81 -7.81 9.80
N GLU A 50 -3.87 -9.08 9.38
CA GLU A 50 -4.04 -10.17 10.33
C GLU A 50 -2.98 -10.12 11.42
N TYR A 51 -1.70 -9.91 11.03
CA TYR A 51 -0.62 -9.89 12.01
C TYR A 51 -0.84 -8.80 13.05
N LEU A 52 -1.15 -7.58 12.59
CA LEU A 52 -1.29 -6.46 13.50
C LEU A 52 -2.46 -6.67 14.45
N VAL A 53 -3.61 -7.07 13.91
CA VAL A 53 -4.79 -7.32 14.73
C VAL A 53 -4.49 -8.39 15.78
N CYS A 54 -3.84 -9.48 15.37
CA CYS A 54 -3.47 -10.52 16.33
C CYS A 54 -2.53 -10.01 17.41
N HIS A 55 -1.79 -8.93 17.14
CA HIS A 55 -0.88 -8.35 18.11
C HIS A 55 -1.47 -7.11 18.79
N GLY A 56 -2.79 -6.93 18.69
CA GLY A 56 -3.46 -5.87 19.40
C GLY A 56 -3.29 -4.48 18.84
N ILE A 57 -2.97 -4.37 17.55
CA ILE A 57 -2.73 -3.07 16.93
C ILE A 57 -3.86 -2.82 15.92
N PRO A 58 -4.78 -1.88 16.20
CA PRO A 58 -5.86 -1.59 15.24
C PRO A 58 -5.31 -1.04 13.95
N CYS A 59 -5.88 -1.50 12.84
CA CYS A 59 -5.41 -1.11 11.52
C CYS A 59 -6.56 -1.20 10.53
N TYR A 60 -6.29 -0.80 9.29
CA TYR A 60 -7.29 -0.87 8.24
C TYR A 60 -6.59 -0.84 6.90
N THR A 61 -7.11 -1.61 5.94
CA THR A 61 -6.48 -1.74 4.62
C THR A 61 -7.33 -1.03 3.57
N LEU A 62 -6.69 -0.18 2.79
CA LEU A 62 -7.30 0.40 1.61
C LEU A 62 -6.74 -0.33 0.39
N ASP A 63 -7.62 -0.83 -0.47
CA ASP A 63 -7.16 -1.54 -1.66
C ASP A 63 -8.13 -1.28 -2.82
N GLY A 64 -7.79 -1.80 -4.00
CA GLY A 64 -8.65 -1.59 -5.15
C GLY A 64 -10.08 -2.08 -4.92
N ASP A 65 -10.23 -3.16 -4.16
CA ASP A 65 -11.56 -3.70 -3.91
C ASP A 65 -12.44 -2.69 -3.17
N ASN A 66 -11.93 -2.07 -2.12
CA ASN A 66 -12.82 -1.21 -1.35
C ASN A 66 -12.74 0.25 -1.71
N ILE A 67 -11.80 0.67 -2.55
CA ILE A 67 -11.68 2.07 -2.96
C ILE A 67 -12.18 2.29 -4.38
N ARG A 68 -11.75 1.47 -5.36
CA ARG A 68 -12.12 1.80 -6.73
C ARG A 68 -13.56 1.42 -7.08
N GLN A 69 -14.28 0.72 -6.20
CA GLN A 69 -15.70 0.48 -6.37
C GLN A 69 -16.56 1.45 -5.58
N GLY A 70 -15.94 2.31 -4.79
CA GLY A 70 -16.67 3.22 -3.91
C GLY A 70 -16.22 4.66 -4.09
N LEU A 71 -15.33 5.11 -3.21
CA LEU A 71 -14.81 6.47 -3.29
C LEU A 71 -14.33 6.82 -4.69
N ASN A 72 -13.66 5.89 -5.37
CA ASN A 72 -13.02 6.18 -6.65
C ASN A 72 -13.67 5.45 -7.81
N LYS A 73 -14.95 5.11 -7.67
CA LYS A 73 -15.69 4.45 -8.74
C LYS A 73 -15.77 5.31 -9.99
N ASN A 74 -15.58 6.62 -9.88
CA ASN A 74 -15.65 7.54 -11.01
C ASN A 74 -14.28 7.81 -11.62
N LEU A 75 -13.30 6.93 -11.40
CA LEU A 75 -11.97 7.05 -11.96
C LEU A 75 -11.62 5.82 -12.79
N GLY A 76 -10.96 6.06 -13.91
CA GLY A 76 -10.45 5.00 -14.77
C GLY A 76 -8.96 4.82 -14.58
N PHE A 77 -8.27 4.43 -15.66
CA PHE A 77 -6.84 4.16 -15.57
C PHE A 77 -5.98 5.02 -16.49
N SER A 78 -6.55 6.10 -17.05
CA SER A 78 -5.71 7.12 -17.68
C SER A 78 -4.66 7.60 -16.67
N PRO A 79 -3.51 8.10 -17.13
CA PRO A 79 -2.55 8.65 -16.16
C PRO A 79 -3.18 9.68 -15.24
N GLU A 80 -4.06 10.52 -15.78
CA GLU A 80 -4.72 11.55 -14.99
C GLU A 80 -5.61 10.93 -13.92
N ASP A 81 -6.29 9.83 -14.25
CA ASP A 81 -7.16 9.21 -13.27
C ASP A 81 -6.35 8.43 -12.23
N ARG A 82 -5.21 7.85 -12.61
CA ARG A 82 -4.35 7.21 -11.61
C ARG A 82 -3.76 8.23 -10.65
N GLU A 83 -3.42 9.42 -11.15
CA GLU A 83 -2.93 10.48 -10.28
C GLU A 83 -4.00 10.89 -9.27
N GLU A 84 -5.24 11.10 -9.73
CA GLU A 84 -6.31 11.46 -8.81
C GLU A 84 -6.68 10.30 -7.88
N ASN A 85 -6.63 9.07 -8.37
CA ASN A 85 -6.85 7.90 -7.52
C ASN A 85 -5.90 7.91 -6.34
N VAL A 86 -4.60 8.02 -6.61
CA VAL A 86 -3.58 8.01 -5.57
C VAL A 86 -3.69 9.25 -4.68
N ARG A 87 -4.00 10.41 -5.25
CA ARG A 87 -4.14 11.60 -4.43
C ARG A 87 -5.25 11.42 -3.39
N ARG A 88 -6.41 10.93 -3.82
CA ARG A 88 -7.52 10.74 -2.89
C ARG A 88 -7.17 9.70 -1.83
N ILE A 89 -6.58 8.57 -2.25
CA ILE A 89 -6.18 7.52 -1.32
C ILE A 89 -5.20 8.07 -0.28
N ALA A 90 -4.23 8.87 -0.73
CA ALA A 90 -3.28 9.47 0.21
C ALA A 90 -3.98 10.34 1.25
N GLU A 91 -4.98 11.11 0.82
CA GLU A 91 -5.66 11.96 1.79
C GLU A 91 -6.46 11.13 2.78
N VAL A 92 -7.08 10.05 2.29
CA VAL A 92 -7.82 9.17 3.21
C VAL A 92 -6.88 8.47 4.16
N ALA A 93 -5.75 7.95 3.66
CA ALA A 93 -4.79 7.29 4.53
C ALA A 93 -4.30 8.23 5.63
N LYS A 94 -4.09 9.51 5.28
CA LYS A 94 -3.64 10.49 6.26
C LYS A 94 -4.65 10.63 7.39
N LEU A 95 -5.94 10.67 7.06
CA LEU A 95 -6.98 10.69 8.09
C LEU A 95 -6.94 9.44 8.96
N PHE A 96 -6.80 8.25 8.34
CA PHE A 96 -6.71 7.03 9.15
C PHE A 96 -5.50 7.07 10.07
N ALA A 97 -4.36 7.54 9.56
CA ALA A 97 -3.16 7.65 10.39
C ALA A 97 -3.37 8.66 11.50
N ASP A 98 -3.96 9.83 11.19
CA ASP A 98 -4.27 10.82 12.21
C ASP A 98 -5.20 10.24 13.28
N ALA A 99 -6.08 9.31 12.90
CA ALA A 99 -6.99 8.72 13.87
C ALA A 99 -6.30 7.72 14.80
N GLY A 100 -5.04 7.38 14.54
CA GLY A 100 -4.33 6.43 15.35
C GLY A 100 -4.23 5.03 14.79
N LEU A 101 -4.75 4.78 13.59
CA LEU A 101 -4.69 3.44 13.00
C LEU A 101 -3.45 3.29 12.12
N VAL A 102 -2.96 2.05 12.02
CA VAL A 102 -2.01 1.69 10.99
C VAL A 102 -2.80 1.51 9.70
N CYS A 103 -2.63 2.42 8.75
CA CYS A 103 -3.37 2.35 7.49
C CYS A 103 -2.50 1.67 6.44
N ILE A 104 -2.91 0.51 5.97
CA ILE A 104 -2.16 -0.22 4.94
C ILE A 104 -2.81 0.07 3.59
N THR A 105 -2.06 0.61 2.64
CA THR A 105 -2.59 0.84 1.31
C THR A 105 -1.96 -0.12 0.30
N SER A 106 -2.79 -0.60 -0.63
CA SER A 106 -2.41 -1.66 -1.56
C SER A 106 -2.87 -1.25 -2.96
N PHE A 107 -2.10 -0.37 -3.59
CA PHE A 107 -2.39 0.08 -4.95
C PHE A 107 -1.13 -0.01 -5.78
N ILE A 108 -1.32 -0.20 -7.09
CA ILE A 108 -0.18 -0.24 -8.00
C ILE A 108 0.69 0.99 -7.81
N SER A 109 0.05 2.18 -7.76
CA SER A 109 0.66 3.49 -7.59
C SER A 109 1.93 3.59 -8.43
N PRO A 110 1.79 3.67 -9.76
CA PRO A 110 2.93 3.48 -10.65
C PRO A 110 3.81 4.70 -10.87
N TYR A 111 3.38 5.89 -10.44
CA TYR A 111 4.10 7.13 -10.75
C TYR A 111 4.83 7.65 -9.52
N THR A 112 6.13 7.89 -9.71
CA THR A 112 6.99 8.42 -8.66
C THR A 112 6.43 9.70 -8.06
N GLN A 113 5.99 10.62 -8.91
CA GLN A 113 5.55 11.93 -8.41
C GLN A 113 4.38 11.79 -7.46
N ASP A 114 3.45 10.88 -7.77
CA ASP A 114 2.26 10.73 -6.97
C ASP A 114 2.54 9.98 -5.67
N ARG A 115 3.45 9.01 -5.69
CA ARG A 115 3.89 8.40 -4.44
C ARG A 115 4.60 9.42 -3.57
N ASN A 116 5.38 10.32 -4.17
CA ASN A 116 6.07 11.31 -3.35
C ASN A 116 5.12 12.39 -2.85
N ASN A 117 4.11 12.72 -3.64
CA ASN A 117 3.05 13.60 -3.16
C ASN A 117 2.28 12.98 -1.99
N ALA A 118 2.05 11.66 -2.05
CA ALA A 118 1.40 10.96 -0.96
C ALA A 118 2.24 11.03 0.31
N ARG A 119 3.55 10.85 0.15
CA ARG A 119 4.46 10.95 1.29
C ARG A 119 4.44 12.36 1.89
N GLN A 120 4.46 13.38 1.02
CA GLN A 120 4.51 14.77 1.49
C GLN A 120 3.27 15.14 2.29
N ILE A 121 2.12 14.64 1.86
CA ILE A 121 0.89 14.85 2.60
C ILE A 121 1.02 14.33 4.02
N HIS A 122 1.68 13.18 4.19
CA HIS A 122 1.83 12.60 5.52
C HIS A 122 2.92 13.31 6.32
N GLU A 123 4.10 13.49 5.72
CA GLU A 123 5.20 14.04 6.50
C GLU A 123 4.96 15.51 6.84
N GLY A 124 4.19 16.22 6.02
CA GLY A 124 3.74 17.54 6.41
C GLY A 124 2.93 17.53 7.69
N ALA A 125 2.01 16.55 7.82
CA ALA A 125 1.20 16.38 9.02
C ALA A 125 1.93 15.65 10.13
N SER A 126 3.24 15.45 9.97
CA SER A 126 4.07 14.75 10.96
C SER A 126 3.52 13.35 11.26
N LEU A 127 3.09 12.65 10.22
CA LEU A 127 2.63 11.27 10.33
C LEU A 127 3.59 10.37 9.58
N PRO A 128 4.02 9.26 10.17
CA PRO A 128 5.00 8.41 9.49
C PRO A 128 4.40 7.76 8.23
N PHE A 129 5.24 7.63 7.21
CA PHE A 129 4.85 7.11 5.91
C PHE A 129 5.94 6.14 5.48
N PHE A 130 5.56 4.90 5.20
CA PHE A 130 6.53 3.86 4.83
C PHE A 130 6.16 3.32 3.47
N GLU A 131 6.99 3.62 2.47
CA GLU A 131 6.78 3.14 1.12
C GLU A 131 7.41 1.76 1.00
N VAL A 132 6.62 0.76 0.69
CA VAL A 132 7.09 -0.61 0.54
C VAL A 132 6.94 -1.00 -0.92
N PHE A 133 8.07 -1.23 -1.58
CA PHE A 133 8.08 -1.66 -2.97
C PHE A 133 7.96 -3.17 -2.97
N VAL A 134 6.77 -3.67 -3.32
CA VAL A 134 6.49 -5.08 -3.51
C VAL A 134 7.03 -5.43 -4.90
N ASP A 135 8.21 -6.03 -4.93
CA ASP A 135 9.06 -6.07 -6.11
C ASP A 135 9.17 -7.51 -6.63
N ALA A 136 8.35 -7.84 -7.62
CA ALA A 136 8.50 -9.07 -8.37
C ALA A 136 8.80 -8.73 -9.83
N PRO A 137 9.64 -9.50 -10.49
CA PRO A 137 9.90 -9.23 -11.91
C PRO A 137 8.62 -9.33 -12.71
N LEU A 138 8.49 -8.45 -13.70
CA LEU A 138 7.31 -8.48 -14.56
C LEU A 138 7.15 -9.85 -15.24
N HIS A 139 8.26 -10.45 -15.69
CA HIS A 139 8.12 -11.74 -16.36
C HIS A 139 7.56 -12.80 -15.40
N VAL A 140 7.85 -12.67 -14.10
CA VAL A 140 7.28 -13.58 -13.13
C VAL A 140 5.78 -13.32 -12.97
N CYS A 141 5.39 -12.04 -12.83
CA CYS A 141 3.98 -11.73 -12.69
C CYS A 141 3.18 -12.20 -13.90
N GLU A 142 3.73 -12.05 -15.10
CA GLU A 142 3.05 -12.49 -16.30
C GLU A 142 2.90 -14.00 -16.32
N GLN A 143 3.96 -14.72 -15.96
CA GLN A 143 3.91 -16.18 -16.06
C GLN A 143 2.88 -16.75 -15.09
N ARG A 144 2.87 -16.29 -13.84
CA ARG A 144 1.87 -16.77 -12.91
C ARG A 144 0.47 -16.29 -13.32
N ASP A 145 0.34 -15.02 -13.69
CA ASP A 145 -0.91 -14.40 -14.14
C ASP A 145 -2.10 -14.85 -13.29
N VAL A 146 -2.03 -14.50 -12.00
CA VAL A 146 -2.89 -15.11 -10.98
C VAL A 146 -4.37 -14.84 -11.25
N LYS A 147 -4.71 -13.72 -11.88
CA LYS A 147 -6.10 -13.39 -12.19
C LYS A 147 -6.42 -13.41 -13.67
N GLY A 148 -5.49 -13.85 -14.52
CA GLY A 148 -5.69 -13.87 -15.96
C GLY A 148 -5.59 -12.52 -16.64
N LEU A 149 -5.20 -11.47 -15.90
CA LEU A 149 -5.27 -10.12 -16.42
C LEU A 149 -4.21 -9.86 -17.48
N TYR A 150 -3.02 -10.44 -17.33
CA TYR A 150 -1.96 -10.18 -18.29
C TYR A 150 -2.30 -10.78 -19.65
N LYS A 151 -2.97 -11.93 -19.65
CA LYS A 151 -3.43 -12.51 -20.91
C LYS A 151 -4.38 -11.55 -21.63
N LYS A 152 -5.36 -11.01 -20.89
CA LYS A 152 -6.30 -10.07 -21.49
C LYS A 152 -5.62 -8.78 -21.93
N ALA A 153 -4.59 -8.35 -21.21
CA ALA A 153 -3.88 -7.13 -21.61
C ALA A 153 -3.15 -7.36 -22.94
N ARG A 154 -2.40 -8.45 -23.05
CA ARG A 154 -1.76 -8.77 -24.32
C ARG A 154 -2.80 -8.95 -25.42
N ALA A 155 -3.96 -9.52 -25.09
CA ALA A 155 -5.00 -9.73 -26.08
C ALA A 155 -5.71 -8.44 -26.49
N GLY A 156 -5.43 -7.32 -25.83
CA GLY A 156 -6.10 -6.07 -26.16
C GLY A 156 -7.45 -5.88 -25.53
N GLU A 157 -7.87 -6.80 -24.65
CA GLU A 157 -9.17 -6.70 -23.99
C GLU A 157 -9.13 -5.83 -22.75
N ILE A 158 -7.94 -5.52 -22.24
CA ILE A 158 -7.75 -4.51 -21.20
C ILE A 158 -6.69 -3.57 -21.73
N LYS A 159 -7.07 -2.32 -21.99
CA LYS A 159 -6.14 -1.35 -22.55
C LYS A 159 -5.38 -0.63 -21.45
N GLY A 160 -4.14 -0.26 -21.74
CA GLY A 160 -3.35 0.52 -20.81
C GLY A 160 -3.11 -0.18 -19.49
N PHE A 161 -2.90 -1.50 -19.52
CA PHE A 161 -2.61 -2.27 -18.32
C PHE A 161 -1.16 -2.11 -17.91
N THR A 162 -0.94 -1.78 -16.63
CA THR A 162 0.40 -1.52 -16.09
C THR A 162 1.38 -2.64 -16.45
N GLY A 163 2.54 -2.25 -16.96
CA GLY A 163 3.55 -3.22 -17.37
C GLY A 163 3.43 -3.71 -18.79
N ILE A 164 2.29 -3.52 -19.43
CA ILE A 164 2.05 -3.98 -20.79
C ILE A 164 1.82 -2.81 -21.73
N ASP A 165 0.91 -1.91 -21.38
CA ASP A 165 0.56 -0.74 -22.17
C ASP A 165 0.50 0.50 -21.30
N SER A 166 1.10 0.44 -20.11
CA SER A 166 1.14 1.56 -19.18
C SER A 166 2.38 1.39 -18.32
N ASP A 167 2.99 2.51 -17.95
CA ASP A 167 4.30 2.51 -17.31
C ASP A 167 4.19 2.20 -15.82
N TYR A 168 5.17 1.47 -15.30
CA TYR A 168 5.40 1.37 -13.86
C TYR A 168 6.77 1.96 -13.57
N GLU A 169 6.81 3.06 -12.82
CA GLU A 169 8.07 3.70 -12.44
C GLU A 169 8.54 3.07 -11.14
N LYS A 170 9.63 2.31 -11.23
CA LYS A 170 10.12 1.56 -10.09
C LYS A 170 10.52 2.52 -8.97
N PRO A 171 10.11 2.27 -7.73
CA PRO A 171 10.66 3.03 -6.60
C PRO A 171 12.18 2.99 -6.58
N GLU A 172 12.79 4.16 -6.40
CA GLU A 172 14.22 4.28 -6.20
C GLU A 172 14.61 4.45 -4.74
N ALA A 173 13.70 4.92 -3.89
CA ALA A 173 14.00 5.15 -2.48
C ALA A 173 12.84 4.70 -1.59
N PRO A 174 12.43 3.43 -1.67
CA PRO A 174 11.43 2.94 -0.71
C PRO A 174 12.08 2.73 0.64
N GLU A 175 11.25 2.74 1.68
CA GLU A 175 11.72 2.37 3.01
C GLU A 175 12.05 0.89 3.07
N LEU A 176 11.37 0.07 2.26
CA LEU A 176 11.59 -1.36 2.28
C LEU A 176 11.32 -1.91 0.88
N VAL A 177 12.15 -2.86 0.43
CA VAL A 177 11.90 -3.61 -0.79
C VAL A 177 11.53 -5.04 -0.42
N LEU A 178 10.38 -5.51 -0.91
CA LEU A 178 9.91 -6.87 -0.65
C LEU A 178 10.11 -7.67 -1.93
N LYS A 179 11.07 -8.59 -1.91
CA LYS A 179 11.35 -9.46 -3.05
C LYS A 179 10.37 -10.64 -3.02
N THR A 180 9.18 -10.42 -3.58
CA THR A 180 8.11 -11.39 -3.40
C THR A 180 8.21 -12.59 -4.32
N ASP A 181 9.16 -12.62 -5.24
CA ASP A 181 9.41 -13.90 -5.88
C ASP A 181 10.29 -14.80 -5.02
N SER A 182 10.75 -14.31 -3.84
CA SER A 182 11.69 -15.05 -3.00
C SER A 182 11.27 -15.19 -1.54
N CYS A 183 10.15 -14.59 -1.11
CA CYS A 183 9.63 -14.82 0.23
C CYS A 183 8.20 -15.36 0.14
N ASP A 184 7.87 -16.29 1.03
CA ASP A 184 6.47 -16.62 1.23
C ASP A 184 5.78 -15.49 1.98
N VAL A 185 4.45 -15.56 2.04
CA VAL A 185 3.66 -14.46 2.63
C VAL A 185 4.21 -14.06 4.00
N ASN A 186 4.30 -15.03 4.91
CA ASN A 186 4.68 -14.70 6.27
C ASN A 186 6.09 -14.13 6.34
N ASP A 187 6.97 -14.58 5.47
CA ASP A 187 8.34 -14.05 5.45
C ASP A 187 8.36 -12.59 5.01
N CYS A 188 7.58 -12.23 3.99
CA CYS A 188 7.52 -10.82 3.61
C CYS A 188 6.84 -9.99 4.69
N VAL A 189 5.83 -10.56 5.35
CA VAL A 189 5.19 -9.84 6.45
C VAL A 189 6.20 -9.57 7.56
N GLN A 190 7.06 -10.56 7.85
CA GLN A 190 8.05 -10.38 8.90
C GLN A 190 8.99 -9.23 8.61
N GLN A 191 9.32 -9.02 7.33
CA GLN A 191 10.18 -7.90 6.98
C GLN A 191 9.48 -6.56 7.22
N VAL A 192 8.18 -6.48 6.92
CA VAL A 192 7.42 -5.26 7.20
C VAL A 192 7.34 -5.04 8.71
N VAL A 193 7.11 -6.11 9.47
CA VAL A 193 7.06 -5.99 10.92
C VAL A 193 8.40 -5.46 11.45
N GLU A 194 9.51 -5.94 10.88
CA GLU A 194 10.82 -5.45 11.32
C GLU A 194 10.94 -3.94 11.11
N LEU A 195 10.52 -3.46 9.94
CA LEU A 195 10.55 -2.02 9.69
C LEU A 195 9.67 -1.27 10.69
N LEU A 196 8.47 -1.79 10.97
CA LEU A 196 7.59 -1.09 11.91
C LEU A 196 8.15 -1.11 13.33
N GLN A 197 8.87 -2.17 13.70
CA GLN A 197 9.54 -2.18 14.99
C GLN A 197 10.67 -1.15 15.04
N GLU A 198 11.48 -1.07 13.97
CA GLU A 198 12.55 -0.07 13.91
C GLU A 198 12.00 1.34 14.09
N ARG A 199 10.80 1.60 13.56
CA ARG A 199 10.23 2.94 13.54
C ARG A 199 9.27 3.18 14.69
N ASP A 200 9.26 2.27 15.68
CA ASP A 200 8.48 2.42 16.91
C ASP A 200 6.98 2.43 16.67
N ILE A 201 6.53 1.75 15.62
CA ILE A 201 5.10 1.52 15.42
C ILE A 201 4.66 0.28 16.15
N VAL A 202 5.38 -0.81 15.94
CA VAL A 202 5.11 -2.10 16.57
C VAL A 202 6.07 -2.22 17.76
N PRO A 203 5.58 -2.48 18.96
CA PRO A 203 6.46 -2.54 20.14
C PRO A 203 7.14 -3.89 20.31
PB ADP B . 3.05 -16.91 -6.71
O1B ADP B . 1.68 -17.40 -7.18
O2B ADP B . 4.22 -17.65 -7.33
O3B ADP B . 3.13 -16.83 -5.21
PA ADP B . 4.35 -14.32 -6.86
O1A ADP B . 5.72 -14.97 -7.05
O2A ADP B . 4.10 -13.00 -7.54
O3A ADP B . 3.14 -15.37 -7.26
O5' ADP B . 4.04 -14.14 -5.30
C5' ADP B . 2.73 -13.64 -4.97
C4' ADP B . 2.57 -13.83 -3.49
O4' ADP B . 3.14 -15.10 -3.21
C3' ADP B . 3.40 -12.82 -2.71
O3' ADP B . 2.62 -12.32 -1.61
C2' ADP B . 4.60 -13.58 -2.19
O2' ADP B . 4.88 -13.14 -0.86
C1' ADP B . 4.18 -15.04 -2.24
N9 ADP B . 5.25 -15.98 -2.67
C8 ADP B . 6.22 -15.76 -3.57
N7 ADP B . 7.06 -16.83 -3.73
C5 ADP B . 6.60 -17.77 -2.89
C6 ADP B . 7.00 -19.15 -2.55
N6 ADP B . 8.07 -19.73 -3.14
N1 ADP B . 6.25 -19.81 -1.62
C2 ADP B . 5.19 -19.24 -1.03
N3 ADP B . 4.77 -18.00 -1.29
C4 ADP B . 5.42 -17.22 -2.20
SB ADX C . -3.36 2.60 -9.76
O1B ADX C . -2.37 2.64 -10.93
O2B ADX C . -4.40 3.69 -9.98
O3B ADX C . -2.64 2.78 -8.44
PA ADX C . -4.92 0.55 -8.60
O1A ADX C . -5.82 1.59 -8.06
O2A ADX C . -4.05 -0.22 -7.68
O3A ADX C . -4.05 1.20 -9.80
O5' ADX C . -5.87 -0.51 -9.40
C5' ADX C . -5.40 -1.80 -9.88
C4' ADX C . -6.65 -2.69 -9.85
O4' ADX C . -7.42 -2.40 -11.01
C3' ADX C . -6.45 -4.20 -9.98
O3' ADX C . -7.62 -4.82 -9.47
C2' ADX C . -6.40 -4.38 -11.37
O2' ADX C . -5.87 -5.47 -11.96
C1' ADX C . -7.01 -3.34 -11.92
N9 ADX C . -7.09 -2.93 -13.19
C8 ADX C . -8.09 -2.76 -14.05
N7 ADX C . -7.59 -2.16 -15.15
C5 ADX C . -6.29 -1.92 -14.94
C6 ADX C . -5.32 -1.35 -15.68
N6 ADX C . -5.64 -0.90 -16.89
N1 ADX C . -4.08 -1.22 -15.23
C2 ADX C . -3.75 -1.69 -13.96
N3 ADX C . -4.76 -2.27 -13.21
C4 ADX C . -6.01 -2.38 -13.72
P PO4 D . 10.36 6.60 -5.03
O1 PO4 D . 9.02 6.31 -5.63
O2 PO4 D . 10.81 5.55 -4.04
O3 PO4 D . 11.41 6.66 -6.13
O4 PO4 D . 10.31 7.91 -4.31
#